data_6EC0
#
_entry.id   6EC0
#
_cell.length_a   106.685
_cell.length_b   106.685
_cell.length_c   70.321
_cell.angle_alpha   90.000
_cell.angle_beta   90.000
_cell.angle_gamma   120.000
#
_symmetry.space_group_name_H-M   'P 31 2 1'
#
loop_
_entity.id
_entity.type
_entity.pdbx_description
1 polymer 'Keratin 1'
2 polymer 'Keratin, type I cytoskeletal 10'
3 non-polymer 'CADMIUM ION'
4 non-polymer 'COBALT (II) ION'
5 non-polymer 'NICKEL (II) ION'
6 water water
#
loop_
_entity_poly.entity_id
_entity_poly.type
_entity_poly.pdbx_seq_one_letter_code
_entity_poly.pdbx_strand_id
1 'polypeptide(L)'
;MNLEPYFESFINNLRRRVDQLKSDQSRLDSELKNMQDMVEDYRNKYEDEINKRTNAENEFVTIKKDVDGAYMTKVDLQAK
LDNLQQEIDFLTALYQAELSQMQTQIS
;
A
2 'polypeptide(L)'
;GSDYSKYYKTIDDLKNQILNLTTDNANILLQIDNARLAADDFRLKYENEVALRQSVEADINGLRRVLDELTLTKADLEMQ
IESLTEELAYLKKNHEEEMKDLRN
;
B
#
loop_
_chem_comp.id
_chem_comp.type
_chem_comp.name
_chem_comp.formula
CD non-polymer 'CADMIUM ION' 'Cd 2'
CO non-polymer 'COBALT (II) ION' 'Co 2'
NI non-polymer 'NICKEL (II) ION' 'Ni 2'
#
# COMPACT_ATOMS: atom_id res chain seq x y z
N MET A 1 4.67 -31.69 76.71
CA MET A 1 4.95 -32.24 75.38
C MET A 1 6.03 -31.40 74.68
N ASN A 2 6.17 -31.54 73.36
CA ASN A 2 7.11 -30.71 72.62
C ASN A 2 6.96 -30.90 71.11
N LEU A 3 5.76 -30.66 70.59
CA LEU A 3 5.51 -30.79 69.16
C LEU A 3 5.73 -29.49 68.38
N GLU A 4 5.52 -28.32 68.99
CA GLU A 4 5.41 -27.09 68.18
C GLU A 4 6.68 -26.80 67.40
N PRO A 5 7.85 -26.54 68.04
CA PRO A 5 9.02 -26.02 67.31
C PRO A 5 9.22 -26.58 65.90
N TYR A 6 8.95 -27.87 65.70
CA TYR A 6 9.08 -28.44 64.36
C TYR A 6 7.92 -27.98 63.49
N PHE A 7 6.71 -27.94 64.06
CA PHE A 7 5.59 -27.32 63.35
C PHE A 7 5.96 -25.91 62.89
N GLU A 8 6.48 -25.11 63.82
CA GLU A 8 6.86 -23.73 63.51
C GLU A 8 7.88 -23.69 62.38
N SER A 9 8.90 -24.54 62.46
CA SER A 9 9.90 -24.60 61.39
C SER A 9 9.22 -24.83 60.04
N PHE A 10 8.37 -25.85 59.96
CA PHE A 10 7.75 -26.18 58.68
C PHE A 10 6.83 -25.06 58.21
N ILE A 11 6.08 -24.45 59.12
CA ILE A 11 5.22 -23.33 58.74
C ILE A 11 6.07 -22.20 58.18
N ASN A 12 7.23 -21.93 58.77
CA ASN A 12 8.09 -20.86 58.27
C ASN A 12 8.55 -21.17 56.85
N ASN A 13 9.02 -22.40 56.61
CA ASN A 13 9.33 -22.79 55.24
C ASN A 13 8.13 -22.54 54.31
N LEU A 14 6.94 -22.90 54.77
CA LEU A 14 5.74 -22.67 53.97
C LEU A 14 5.57 -21.18 53.66
N ARG A 15 5.52 -20.34 54.71
CA ARG A 15 5.38 -18.90 54.53
C ARG A 15 6.40 -18.36 53.55
N ARG A 16 7.57 -19.00 53.49
CA ARG A 16 8.55 -18.68 52.45
C ARG A 16 7.97 -18.93 51.06
N ARG A 17 7.46 -20.16 50.82
CA ARG A 17 6.90 -20.45 49.49
C ARG A 17 5.81 -19.45 49.12
N VAL A 18 4.89 -19.15 50.05
CA VAL A 18 3.79 -18.24 49.70
C VAL A 18 4.32 -16.85 49.39
N ASP A 19 5.27 -16.35 50.17
CA ASP A 19 5.84 -15.05 49.86
C ASP A 19 6.38 -15.02 48.43
N GLN A 20 7.17 -16.04 48.05
CA GLN A 20 7.67 -16.05 46.67
C GLN A 20 6.52 -16.04 45.68
N LEU A 21 5.48 -16.84 45.93
CA LEU A 21 4.39 -16.92 44.95
C LEU A 21 3.68 -15.57 44.80
N LYS A 22 3.51 -14.82 45.89
CA LYS A 22 2.90 -13.50 45.79
C LYS A 22 3.78 -12.56 44.95
N SER A 23 5.09 -12.55 45.20
CA SER A 23 5.98 -11.69 44.40
C SER A 23 5.88 -12.04 42.92
N ASP A 24 6.02 -13.33 42.61
CA ASP A 24 5.82 -13.79 41.23
C ASP A 24 4.53 -13.22 40.66
N GLN A 25 3.41 -13.46 41.35
CA GLN A 25 2.13 -12.94 40.87
C GLN A 25 2.26 -11.48 40.45
N SER A 26 2.67 -10.61 41.37
CA SER A 26 2.77 -9.19 41.05
C SER A 26 3.53 -8.97 39.74
N ARG A 27 4.72 -9.56 39.65
CA ARG A 27 5.51 -9.43 38.43
C ARG A 27 4.71 -9.80 37.19
N LEU A 28 4.02 -10.95 37.23
CA LEU A 28 3.27 -11.37 36.05
C LEU A 28 2.11 -10.42 35.77
N ASP A 29 1.51 -9.82 36.80
CA ASP A 29 0.52 -8.77 36.58
C ASP A 29 1.11 -7.66 35.73
N SER A 30 2.30 -7.17 36.13
CA SER A 30 2.92 -6.08 35.40
C SER A 30 3.24 -6.49 33.96
N GLU A 31 3.92 -7.62 33.77
CA GLU A 31 4.28 -8.04 32.42
C GLU A 31 3.04 -8.22 31.55
N LEU A 32 1.95 -8.72 32.13
CA LEU A 32 0.72 -8.83 31.37
C LEU A 32 0.25 -7.45 30.92
N LYS A 33 0.09 -6.53 31.86
CA LYS A 33 -0.39 -5.18 31.50
C LYS A 33 0.50 -4.56 30.43
N ASN A 34 1.81 -4.75 30.54
CA ASN A 34 2.73 -4.21 29.56
C ASN A 34 2.51 -4.84 28.19
N MET A 35 2.29 -6.17 28.17
CA MET A 35 1.98 -6.84 26.92
C MET A 35 0.65 -6.38 26.34
N GLN A 36 -0.33 -6.05 27.17
CA GLN A 36 -1.59 -5.52 26.65
C GLN A 36 -1.39 -4.14 26.04
N ASP A 37 -0.62 -3.29 26.73
CA ASP A 37 -0.26 -1.98 26.17
C ASP A 37 0.41 -2.14 24.81
N MET A 38 1.31 -3.11 24.69
CA MET A 38 1.93 -3.41 23.40
C MET A 38 0.92 -3.95 22.39
N VAL A 39 0.00 -4.81 22.82
CA VAL A 39 -0.98 -5.39 21.91
C VAL A 39 -1.83 -4.28 21.31
N GLU A 40 -2.31 -3.36 22.14
CA GLU A 40 -3.09 -2.25 21.63
C GLU A 40 -2.25 -1.39 20.69
N ASP A 41 -0.98 -1.17 21.02
CA ASP A 41 -0.12 -0.44 20.10
C ASP A 41 -0.08 -1.12 18.73
N TYR A 42 0.23 -2.42 18.69
CA TYR A 42 0.35 -3.12 17.42
C TYR A 42 -0.98 -3.14 16.68
N ARG A 43 -2.09 -3.28 17.41
CA ARG A 43 -3.40 -3.24 16.78
C ARG A 43 -3.64 -1.89 16.12
N ASN A 44 -3.27 -0.80 16.79
CA ASN A 44 -3.47 0.53 16.22
C ASN A 44 -2.57 0.76 15.01
N LYS A 45 -1.29 0.40 15.11
CA LYS A 45 -0.41 0.45 13.94
C LYS A 45 -1.05 -0.28 12.77
N TYR A 46 -1.64 -1.44 13.03
CA TYR A 46 -2.33 -2.20 11.99
C TYR A 46 -3.48 -1.40 11.39
N GLU A 47 -4.49 -1.09 12.19
CA GLU A 47 -5.69 -0.43 11.69
C GLU A 47 -5.30 0.83 10.91
N ASP A 48 -4.57 1.73 11.57
CA ASP A 48 -4.09 2.95 10.93
C ASP A 48 -3.45 2.65 9.59
N GLU A 49 -2.62 1.59 9.52
CA GLU A 49 -1.90 1.34 8.29
C GLU A 49 -2.75 0.71 7.19
N ILE A 50 -3.83 0.01 7.52
CA ILE A 50 -4.71 -0.45 6.45
C ILE A 50 -5.52 0.72 5.90
N ASN A 51 -5.87 1.69 6.76
CA ASN A 51 -6.43 2.92 6.21
C ASN A 51 -5.44 3.62 5.29
N LYS A 52 -4.18 3.70 5.71
CA LYS A 52 -3.16 4.31 4.85
C LYS A 52 -3.07 3.59 3.51
N ARG A 53 -2.93 2.25 3.54
CA ARG A 53 -2.76 1.51 2.29
C ARG A 53 -3.98 1.65 1.40
N THR A 54 -5.19 1.68 1.98
CA THR A 54 -6.38 1.75 1.16
C THR A 54 -6.50 3.11 0.48
N ASN A 55 -6.20 4.20 1.20
CA ASN A 55 -6.23 5.50 0.55
C ASN A 55 -5.14 5.59 -0.53
N ALA A 56 -4.03 4.86 -0.35
CA ALA A 56 -3.04 4.79 -1.41
C ALA A 56 -3.58 4.01 -2.61
N GLU A 57 -4.32 2.92 -2.35
CA GLU A 57 -4.98 2.20 -3.44
C GLU A 57 -5.83 3.15 -4.26
N ASN A 58 -6.61 4.00 -3.60
CA ASN A 58 -7.49 4.91 -4.33
C ASN A 58 -6.69 5.92 -5.13
N GLU A 59 -5.71 6.59 -4.50
CA GLU A 59 -4.87 7.50 -5.23
C GLU A 59 -4.32 6.83 -6.49
N PHE A 60 -3.84 5.59 -6.36
CA PHE A 60 -3.34 4.87 -7.53
C PHE A 60 -4.42 4.75 -8.59
N VAL A 61 -5.60 4.23 -8.22
CA VAL A 61 -6.65 4.03 -9.23
C VAL A 61 -6.89 5.30 -10.01
N THR A 62 -6.93 6.45 -9.33
CA THR A 62 -7.18 7.70 -10.02
C THR A 62 -6.07 8.01 -11.02
N ILE A 63 -4.81 8.01 -10.56
CA ILE A 63 -3.72 8.34 -11.50
C ILE A 63 -3.74 7.38 -12.69
N LYS A 64 -3.98 6.09 -12.44
CA LYS A 64 -3.97 5.13 -13.53
C LYS A 64 -5.11 5.41 -14.51
N LYS A 65 -6.27 5.84 -14.01
CA LYS A 65 -7.33 6.24 -14.93
C LYS A 65 -6.84 7.37 -15.83
N ASP A 66 -6.27 8.42 -15.23
CA ASP A 66 -5.74 9.52 -16.03
C ASP A 66 -4.76 9.02 -17.10
N VAL A 67 -3.86 8.10 -16.73
CA VAL A 67 -2.90 7.57 -17.69
C VAL A 67 -3.62 6.84 -18.82
N ASP A 68 -4.53 5.92 -18.48
CA ASP A 68 -5.27 5.20 -19.51
C ASP A 68 -5.90 6.15 -20.50
N GLY A 69 -6.66 7.13 -20.01
CA GLY A 69 -7.23 8.13 -20.91
C GLY A 69 -6.19 8.74 -21.82
N ALA A 70 -5.07 9.17 -21.24
CA ALA A 70 -4.09 9.92 -22.01
C ALA A 70 -3.38 9.05 -23.06
N TYR A 71 -3.14 7.76 -22.77
CA TYR A 71 -2.69 6.86 -23.82
C TYR A 71 -3.71 6.78 -24.95
N MET A 72 -4.99 6.59 -24.58
CA MET A 72 -6.06 6.58 -25.58
C MET A 72 -5.94 7.77 -26.53
N THR A 73 -5.88 8.98 -25.97
CA THR A 73 -5.72 10.16 -26.81
C THR A 73 -4.46 10.04 -27.65
N LYS A 74 -3.29 9.87 -27.00
CA LYS A 74 -2.02 9.88 -27.73
C LYS A 74 -2.07 8.99 -28.96
N VAL A 75 -2.58 7.77 -28.81
CA VAL A 75 -2.62 6.89 -29.98
C VAL A 75 -3.61 7.41 -31.01
N ASP A 76 -4.75 7.96 -30.56
CA ASP A 76 -5.67 8.59 -31.50
C ASP A 76 -4.96 9.68 -32.31
N LEU A 77 -4.33 10.62 -31.62
CA LEU A 77 -3.70 11.77 -32.28
C LEU A 77 -2.54 11.32 -33.16
N GLN A 78 -1.65 10.48 -32.63
CA GLN A 78 -0.57 9.94 -33.43
C GLN A 78 -1.10 9.33 -34.73
N ALA A 79 -2.19 8.56 -34.62
CA ALA A 79 -2.80 7.99 -35.82
C ALA A 79 -3.24 9.09 -36.78
N LYS A 80 -3.86 10.15 -36.25
CA LYS A 80 -4.32 11.23 -37.11
C LYS A 80 -3.15 11.93 -37.80
N LEU A 81 -2.03 12.11 -37.10
CA LEU A 81 -0.82 12.62 -37.74
C LEU A 81 -0.40 11.70 -38.88
N ASP A 82 -0.27 10.41 -38.60
CA ASP A 82 0.06 9.45 -39.65
C ASP A 82 -0.83 9.68 -40.87
N ASN A 83 -2.13 9.92 -40.63
CA ASN A 83 -3.05 10.18 -41.73
C ASN A 83 -2.65 11.46 -42.47
N LEU A 84 -2.47 12.56 -41.76
CA LEU A 84 -2.19 13.83 -42.43
C LEU A 84 -0.91 13.72 -43.25
N GLN A 85 0.17 13.19 -42.66
CA GLN A 85 1.44 13.11 -43.38
C GLN A 85 1.32 12.23 -44.61
N GLN A 86 0.80 11.00 -44.44
CA GLN A 86 0.63 10.13 -45.60
C GLN A 86 -0.14 10.86 -46.71
N GLU A 87 -1.23 11.53 -46.32
CA GLU A 87 -2.02 12.29 -47.29
C GLU A 87 -1.18 13.37 -47.95
N ILE A 88 -0.28 13.99 -47.20
CA ILE A 88 0.61 15.01 -47.77
C ILE A 88 1.41 14.39 -48.91
N ASP A 89 2.30 13.45 -48.56
CA ASP A 89 3.14 12.80 -49.57
C ASP A 89 2.33 12.47 -50.82
N PHE A 90 1.21 11.75 -50.62
CA PHE A 90 0.35 11.40 -51.75
C PHE A 90 0.00 12.64 -52.57
N LEU A 91 -0.53 13.67 -51.91
CA LEU A 91 -1.03 14.83 -52.64
C LEU A 91 0.09 15.55 -53.39
N THR A 92 1.29 15.60 -52.81
CA THR A 92 2.40 16.23 -53.54
C THR A 92 2.62 15.53 -54.86
N ALA A 93 2.93 14.23 -54.82
CA ALA A 93 3.23 13.55 -56.07
C ALA A 93 2.06 13.65 -57.03
N LEU A 94 0.84 13.51 -56.52
CA LEU A 94 -0.33 13.64 -57.37
C LEU A 94 -0.31 14.97 -58.11
N TYR A 95 -0.34 16.08 -57.35
CA TYR A 95 -0.44 17.39 -57.98
C TYR A 95 0.67 17.59 -59.01
N GLN A 96 1.88 17.10 -58.73
CA GLN A 96 2.88 17.09 -59.80
C GLN A 96 2.32 16.40 -61.04
N ALA A 97 1.66 15.25 -60.86
CA ALA A 97 1.07 14.57 -62.01
C ALA A 97 -0.06 15.37 -62.64
N GLU A 98 -0.83 16.11 -61.84
CA GLU A 98 -1.90 16.93 -62.39
C GLU A 98 -1.34 17.98 -63.32
N LEU A 99 -0.28 18.69 -62.90
CA LEU A 99 0.33 19.67 -63.78
C LEU A 99 0.89 18.98 -65.02
N SER A 100 1.59 17.86 -64.85
CA SER A 100 2.12 17.14 -66.00
C SER A 100 1.02 16.82 -67.00
N GLN A 101 -0.17 16.42 -66.51
CA GLN A 101 -1.22 16.00 -67.42
C GLN A 101 -1.87 17.20 -68.10
N MET A 102 -2.32 18.19 -67.32
CA MET A 102 -2.88 19.41 -67.91
C MET A 102 -1.97 19.91 -69.02
N GLN A 103 -0.67 19.94 -68.75
CA GLN A 103 0.25 20.54 -69.70
C GLN A 103 0.21 19.81 -71.03
N THR A 104 0.44 18.50 -71.02
CA THR A 104 0.52 17.73 -72.26
C THR A 104 -0.84 17.29 -72.73
N GLN A 105 -1.83 18.17 -72.57
CA GLN A 105 -3.20 17.89 -72.98
C GLN A 105 -3.53 18.78 -74.17
N ILE A 106 -4.23 18.20 -75.14
CA ILE A 106 -4.72 18.94 -76.29
C ILE A 106 -5.48 20.16 -75.76
N SER A 107 -5.05 21.35 -76.13
CA SER A 107 -5.63 22.58 -75.61
C SER A 107 -7.12 22.70 -75.96
N ASP B 3 -3.53 -25.06 70.64
CA ASP B 3 -3.42 -26.51 70.70
C ASP B 3 -2.81 -27.07 69.42
N TYR B 4 -2.26 -28.28 69.53
CA TYR B 4 -1.73 -29.03 68.41
C TYR B 4 -2.63 -28.86 67.16
N SER B 5 -3.93 -29.09 67.36
CA SER B 5 -4.89 -29.03 66.27
C SER B 5 -4.87 -27.68 65.57
N LYS B 6 -4.66 -26.60 66.31
CA LYS B 6 -4.70 -25.27 65.69
C LYS B 6 -3.54 -25.09 64.71
N TYR B 7 -2.32 -25.46 65.12
CA TYR B 7 -1.20 -25.50 64.19
C TYR B 7 -1.59 -26.25 62.92
N TYR B 8 -2.21 -27.43 63.08
CA TYR B 8 -2.70 -28.13 61.90
C TYR B 8 -3.59 -27.23 61.04
N LYS B 9 -4.59 -26.59 61.66
CA LYS B 9 -5.56 -25.81 60.91
C LYS B 9 -4.89 -24.73 60.09
N THR B 10 -3.97 -23.96 60.71
CA THR B 10 -3.24 -22.99 59.93
C THR B 10 -2.59 -23.68 58.73
N ILE B 11 -1.78 -24.72 58.99
CA ILE B 11 -1.07 -25.35 57.89
C ILE B 11 -2.01 -25.64 56.74
N ASP B 12 -3.20 -26.17 57.02
CA ASP B 12 -4.12 -26.51 55.93
C ASP B 12 -4.58 -25.26 55.18
N ASP B 13 -5.04 -24.24 55.91
CA ASP B 13 -5.38 -22.96 55.27
C ASP B 13 -4.27 -22.53 54.30
N LEU B 14 -3.03 -22.63 54.75
CA LEU B 14 -1.91 -22.15 53.98
C LEU B 14 -1.64 -23.04 52.75
N LYS B 15 -1.79 -24.36 52.89
CA LYS B 15 -1.75 -25.24 51.72
C LYS B 15 -2.71 -24.75 50.66
N ASN B 16 -3.98 -24.56 51.06
CA ASN B 16 -4.99 -24.13 50.09
C ASN B 16 -4.60 -22.81 49.45
N GLN B 17 -4.07 -21.88 50.23
CA GLN B 17 -3.58 -20.64 49.61
C GLN B 17 -2.54 -20.94 48.55
N ILE B 18 -1.52 -21.74 48.87
CA ILE B 18 -0.51 -22.04 47.85
C ILE B 18 -1.17 -22.57 46.59
N LEU B 19 -2.16 -23.46 46.73
CA LEU B 19 -2.75 -24.01 45.51
C LEU B 19 -3.47 -22.92 44.73
N ASN B 20 -4.26 -22.09 45.41
CA ASN B 20 -4.97 -21.00 44.75
C ASN B 20 -4.00 -20.05 44.04
N LEU B 21 -2.89 -19.71 44.70
CA LEU B 21 -1.93 -18.76 44.15
C LEU B 21 -1.14 -19.38 42.99
N THR B 22 -0.77 -20.66 43.12
CA THR B 22 -0.08 -21.35 42.04
C THR B 22 -0.94 -21.37 40.79
N THR B 23 -2.19 -21.85 40.92
CA THR B 23 -3.07 -21.90 39.75
C THR B 23 -3.30 -20.50 39.19
N ASP B 24 -3.55 -19.52 40.07
CA ASP B 24 -3.78 -18.16 39.61
C ASP B 24 -2.60 -17.65 38.77
N ASN B 25 -1.38 -17.84 39.28
CA ASN B 25 -0.19 -17.47 38.51
C ASN B 25 -0.18 -18.17 37.16
N ALA B 26 -0.39 -19.49 37.16
CA ALA B 26 -0.41 -20.22 35.90
C ALA B 26 -1.38 -19.59 34.92
N ASN B 27 -2.60 -19.30 35.38
CA ASN B 27 -3.60 -18.67 34.51
C ASN B 27 -3.05 -17.38 33.94
N ILE B 28 -2.49 -16.52 34.79
CA ILE B 28 -1.94 -15.26 34.29
C ILE B 28 -0.91 -15.53 33.20
N LEU B 29 0.04 -16.42 33.49
CA LEU B 29 1.07 -16.73 32.50
C LEU B 29 0.44 -17.10 31.17
N LEU B 30 -0.54 -18.01 31.18
CA LEU B 30 -1.20 -18.38 29.94
C LEU B 30 -1.79 -17.15 29.26
N GLN B 31 -2.40 -16.26 30.04
CA GLN B 31 -2.86 -15.00 29.48
C GLN B 31 -1.72 -14.28 28.76
N ILE B 32 -0.51 -14.36 29.32
CA ILE B 32 0.64 -13.70 28.70
C ILE B 32 1.00 -14.39 27.39
N ASP B 33 1.19 -15.70 27.43
CA ASP B 33 1.58 -16.42 26.22
C ASP B 33 0.59 -16.11 25.09
N ASN B 34 -0.70 -16.27 25.36
CA ASN B 34 -1.71 -15.97 24.35
C ASN B 34 -1.63 -14.50 23.92
N ALA B 35 -1.28 -13.60 24.83
CA ALA B 35 -1.11 -12.20 24.46
C ALA B 35 0.05 -12.02 23.48
N ARG B 36 1.21 -12.59 23.81
CA ARG B 36 2.34 -12.60 22.87
C ARG B 36 1.90 -13.07 21.50
N LEU B 37 1.24 -14.23 21.44
CA LEU B 37 0.84 -14.78 20.16
C LEU B 37 -0.06 -13.80 19.40
N ALA B 38 -1.10 -13.29 20.07
CA ALA B 38 -1.98 -12.33 19.42
C ALA B 38 -1.18 -11.17 18.85
N ALA B 39 -0.26 -10.63 19.64
CA ALA B 39 0.68 -9.64 19.14
C ALA B 39 1.28 -10.14 17.84
N ASP B 40 2.09 -11.20 17.91
CA ASP B 40 2.81 -11.66 16.72
C ASP B 40 1.90 -11.70 15.50
N ASP B 41 0.65 -12.16 15.67
CA ASP B 41 -0.30 -12.12 14.56
C ASP B 41 -0.47 -10.68 14.05
N PHE B 42 -0.91 -9.78 14.93
CA PHE B 42 -1.10 -8.39 14.51
C PHE B 42 0.17 -7.79 13.92
N ARG B 43 1.34 -8.21 14.41
CA ARG B 43 2.59 -7.71 13.85
C ARG B 43 2.76 -8.14 12.41
N LEU B 44 2.82 -9.46 12.17
CA LEU B 44 2.97 -9.93 10.79
C LEU B 44 1.93 -9.27 9.90
N LYS B 45 0.68 -9.21 10.36
CA LYS B 45 -0.37 -8.60 9.56
C LYS B 45 -0.02 -7.16 9.20
N TYR B 46 0.47 -6.39 10.19
CA TYR B 46 0.85 -5.00 9.94
C TYR B 46 2.03 -4.92 8.98
N GLU B 47 3.09 -5.70 9.23
CA GLU B 47 4.24 -5.71 8.35
C GLU B 47 3.81 -5.87 6.90
N ASN B 48 2.92 -6.83 6.63
CA ASN B 48 2.50 -7.05 5.26
C ASN B 48 1.66 -5.90 4.72
N GLU B 49 0.78 -5.33 5.55
CA GLU B 49 0.01 -4.17 5.11
C GLU B 49 0.94 -3.01 4.73
N VAL B 50 1.93 -2.71 5.58
CA VAL B 50 2.89 -1.66 5.27
C VAL B 50 3.57 -1.96 3.93
N ALA B 51 4.34 -3.06 3.90
CA ALA B 51 5.09 -3.39 2.69
C ALA B 51 4.21 -3.26 1.45
N LEU B 52 2.92 -3.62 1.57
CA LEU B 52 2.02 -3.41 0.45
C LEU B 52 1.88 -1.92 0.13
N ARG B 53 1.41 -1.13 1.11
CA ARG B 53 1.24 0.30 0.89
C ARG B 53 2.47 0.86 0.17
N GLN B 54 3.65 0.49 0.65
CA GLN B 54 4.88 0.93 -0.01
C GLN B 54 4.90 0.52 -1.48
N SER B 55 4.69 -0.77 -1.75
CA SER B 55 4.74 -1.23 -3.14
C SER B 55 3.78 -0.44 -4.02
N VAL B 56 2.56 -0.20 -3.54
CA VAL B 56 1.59 0.52 -4.38
C VAL B 56 2.07 1.95 -4.60
N GLU B 57 2.58 2.60 -3.55
CA GLU B 57 3.04 3.97 -3.72
C GLU B 57 4.21 4.06 -4.70
N ALA B 58 5.07 3.04 -4.74
CA ALA B 58 6.19 3.05 -5.67
C ALA B 58 5.70 2.84 -7.10
N ASP B 59 4.83 1.85 -7.31
CA ASP B 59 4.17 1.73 -8.60
C ASP B 59 3.51 3.04 -8.99
N ILE B 60 3.00 3.80 -8.01
CA ILE B 60 2.46 5.12 -8.31
C ILE B 60 3.56 6.04 -8.81
N ASN B 61 4.74 5.99 -8.20
CA ASN B 61 5.87 6.77 -8.73
C ASN B 61 6.07 6.47 -10.20
N GLY B 62 6.08 5.18 -10.56
CA GLY B 62 6.14 4.81 -11.96
C GLY B 62 5.07 5.48 -12.80
N LEU B 63 3.81 5.40 -12.34
CA LEU B 63 2.71 6.01 -13.10
C LEU B 63 2.91 7.50 -13.29
N ARG B 64 3.41 8.19 -12.26
CA ARG B 64 3.71 9.62 -12.41
C ARG B 64 4.71 9.82 -13.55
N ARG B 65 5.82 9.09 -13.51
CA ARG B 65 6.85 9.25 -14.55
C ARG B 65 6.23 9.09 -15.95
N VAL B 66 5.46 8.02 -16.16
CA VAL B 66 4.94 7.80 -17.51
C VAL B 66 3.87 8.83 -17.87
N LEU B 67 3.08 9.32 -16.91
CA LEU B 67 2.12 10.37 -17.23
C LEU B 67 2.84 11.63 -17.68
N ASP B 68 3.91 12.00 -16.97
CA ASP B 68 4.68 13.18 -17.33
C ASP B 68 5.22 13.07 -18.75
N GLU B 69 6.04 12.03 -19.01
CA GLU B 69 6.56 11.88 -20.38
C GLU B 69 5.43 11.81 -21.39
N LEU B 70 4.32 11.19 -21.02
CA LEU B 70 3.21 11.00 -21.96
C LEU B 70 2.60 12.33 -22.37
N THR B 71 2.37 13.23 -21.41
CA THR B 71 1.85 14.53 -21.78
C THR B 71 2.86 15.33 -22.58
N LEU B 72 4.16 15.18 -22.27
CA LEU B 72 5.18 15.80 -23.13
C LEU B 72 5.01 15.35 -24.57
N THR B 73 4.98 14.03 -24.81
CA THR B 73 4.82 13.52 -26.16
C THR B 73 3.51 14.02 -26.77
N LYS B 74 2.42 14.00 -26.01
CA LYS B 74 1.15 14.54 -26.50
C LYS B 74 1.35 15.95 -27.06
N ALA B 75 1.89 16.85 -26.23
CA ALA B 75 2.09 18.23 -26.65
C ALA B 75 2.90 18.29 -27.95
N ASP B 76 4.04 17.59 -27.97
CA ASP B 76 4.87 17.57 -29.17
C ASP B 76 4.06 17.21 -30.40
N LEU B 77 3.32 16.10 -30.32
CA LEU B 77 2.51 15.68 -31.46
C LEU B 77 1.54 16.77 -31.87
N GLU B 78 0.81 17.36 -30.91
CA GLU B 78 -0.12 18.43 -31.27
C GLU B 78 0.57 19.50 -32.11
N MET B 79 1.71 20.03 -31.63
CA MET B 79 2.40 21.05 -32.42
C MET B 79 2.71 20.56 -33.82
N GLN B 80 3.15 19.30 -33.95
CA GLN B 80 3.42 18.77 -35.29
C GLN B 80 2.15 18.69 -36.13
N ILE B 81 0.99 18.42 -35.51
CA ILE B 81 -0.25 18.40 -36.28
C ILE B 81 -0.52 19.79 -36.82
N GLU B 82 -0.17 20.83 -36.07
CA GLU B 82 -0.39 22.18 -36.57
C GLU B 82 0.52 22.47 -37.76
N SER B 83 1.82 22.17 -37.62
CA SER B 83 2.73 22.42 -38.74
C SER B 83 2.33 21.63 -39.98
N LEU B 84 1.73 20.45 -39.79
CA LEU B 84 1.37 19.61 -40.93
C LEU B 84 0.05 20.05 -41.57
N THR B 85 -0.97 20.33 -40.76
CA THR B 85 -2.18 20.93 -41.32
C THR B 85 -1.83 22.17 -42.14
N GLU B 86 -0.85 22.95 -41.66
CA GLU B 86 -0.33 24.07 -42.43
C GLU B 86 0.21 23.60 -43.78
N GLU B 87 1.20 22.71 -43.76
CA GLU B 87 1.80 22.24 -45.01
C GLU B 87 0.72 21.80 -46.00
N LEU B 88 -0.30 21.09 -45.50
CA LEU B 88 -1.44 20.73 -46.34
C LEU B 88 -2.03 21.96 -47.00
N ALA B 89 -2.52 22.91 -46.20
CA ALA B 89 -3.21 24.06 -46.76
C ALA B 89 -2.36 24.72 -47.86
N TYR B 90 -1.06 24.89 -47.60
CA TYR B 90 -0.19 25.54 -48.57
C TYR B 90 -0.17 24.76 -49.89
N LEU B 91 -0.13 23.43 -49.82
CA LEU B 91 -0.19 22.64 -51.06
C LEU B 91 -1.51 22.87 -51.79
N LYS B 92 -2.62 22.90 -51.05
CA LYS B 92 -3.90 23.23 -51.68
C LYS B 92 -3.77 24.53 -52.49
N LYS B 93 -3.27 25.59 -51.85
CA LYS B 93 -3.17 26.86 -52.56
C LYS B 93 -2.32 26.73 -53.82
N ASN B 94 -1.16 26.08 -53.71
CA ASN B 94 -0.36 25.83 -54.92
C ASN B 94 -1.21 25.32 -56.06
N HIS B 95 -1.98 24.25 -55.81
CA HIS B 95 -2.82 23.74 -56.89
C HIS B 95 -3.80 24.81 -57.38
N GLU B 96 -4.42 25.56 -56.46
CA GLU B 96 -5.37 26.57 -56.89
C GLU B 96 -4.74 27.53 -57.89
N GLU B 97 -3.51 27.99 -57.61
CA GLU B 97 -2.84 28.88 -58.55
C GLU B 97 -2.59 28.18 -59.88
N GLU B 98 -2.23 26.90 -59.86
CA GLU B 98 -2.12 26.19 -61.14
C GLU B 98 -3.42 26.30 -61.93
N MET B 99 -4.55 26.21 -61.25
CA MET B 99 -5.82 26.36 -61.95
C MET B 99 -5.99 27.79 -62.47
N LYS B 100 -5.57 28.79 -61.68
CA LYS B 100 -5.57 30.16 -62.17
C LYS B 100 -4.77 30.27 -63.47
N ASP B 101 -3.75 29.42 -63.63
CA ASP B 101 -3.07 29.32 -64.92
C ASP B 101 -3.97 28.67 -65.97
N LEU B 102 -4.70 27.62 -65.61
CA LEU B 102 -5.61 27.00 -66.57
C LEU B 102 -6.55 28.04 -67.18
N ARG B 103 -7.18 28.87 -66.34
CA ARG B 103 -8.13 29.83 -66.89
C ARG B 103 -7.44 30.83 -67.81
N ASN B 104 -6.17 31.14 -67.55
CA ASN B 104 -5.32 31.79 -68.55
C ASN B 104 -5.16 30.87 -69.76
CD CD C . -8.02 19.08 -58.74
CD CD D . 3.58 1.54 24.27
CD CD E . 4.92 -28.83 75.25
CO CO F . -3.41 -8.81 40.94
CD CD G . 0.75 8.43 -2.43
CO CO H . -8.24 -18.08 43.50
NI NI I . -0.57 -16.66 15.37
NI NI J . 7.77 17.61 -44.56
#